data_5K74
#
_entry.id   5K74
#
_cell.length_a   98.350
_cell.length_b   98.350
_cell.length_c   129.890
_cell.angle_alpha   90.000
_cell.angle_beta   90.000
_cell.angle_gamma   120.000
#
_symmetry.space_group_name_H-M   'P 61'
#
loop_
_entity.id
_entity.type
_entity.pdbx_description
1 polymer 'Nuclear receptor ROR-gamma'
2 non-polymer ~{N}-[[3-methyl-4-(4-methylsulfonylphenyl)phenyl]methyl]-~{N}-(2-methylpropyl)-1-phenyl-methanesulfonamide
3 water water
#
_entity_poly.entity_id   1
_entity_poly.type   'polypeptide(L)'
_entity_poly.pdbx_seq_one_letter_code
;GSHMASLTEIEHLVQSVCKSYRETCQLRLEDLLRQRSNIFSREEVTGYQRKSMWEMWERCAHHLTEAIQYVVEFAKRLSG
FMELCQNDQIVLLKAGAMEVVLVRMCRAYNADNRTVFFEGKYGGMELFRALGCSELISSIFDFSHSLSALHFSEDEIALY
TALVLINAHRPGLQEKRKVEQLQYNLELAFHHHLCKTHRQSILAKLPPKGKLRSLCSQHVERLQIFQHLHPIVVQAAFPP
LYKELFS
;
_entity_poly.pdbx_strand_id   A,B
#
loop_
_chem_comp.id
_chem_comp.type
_chem_comp.name
_chem_comp.formula
6QW non-polymer ~{N}-[[3-methyl-4-(4-methylsulfonylphenyl)phenyl]methyl]-~{N}-(2-methylpropyl)-1-phenyl-methanesulfonamide 'C26 H31 N O4 S2'
#
# COMPACT_ATOMS: atom_id res chain seq x y z
N ALA A 5 17.19 27.12 17.23
CA ALA A 5 15.85 26.87 17.74
C ALA A 5 15.51 27.79 18.92
N SER A 6 14.29 28.32 18.94
CA SER A 6 13.79 29.08 20.08
C SER A 6 12.46 28.48 20.51
N LEU A 7 11.83 29.08 21.52
CA LEU A 7 10.52 28.60 21.95
C LEU A 7 9.48 28.76 20.86
N THR A 8 9.60 29.84 20.09
CA THR A 8 8.65 30.11 19.02
C THR A 8 8.69 29.01 17.95
N GLU A 9 9.89 28.53 17.64
CA GLU A 9 10.04 27.50 16.62
C GLU A 9 9.65 26.13 17.14
N ILE A 10 9.91 25.88 18.42
CA ILE A 10 9.44 24.67 19.08
C ILE A 10 7.92 24.59 19.02
N GLU A 11 7.27 25.69 19.38
CA GLU A 11 5.82 25.74 19.34
C GLU A 11 5.31 25.56 17.92
N HIS A 12 6.09 25.99 16.93
CA HIS A 12 5.71 25.79 15.55
C HIS A 12 5.79 24.30 15.21
N LEU A 13 6.84 23.64 15.66
CA LEU A 13 6.99 22.22 15.47
C LEU A 13 5.82 21.45 16.12
N VAL A 14 5.46 21.86 17.33
CA VAL A 14 4.36 21.24 18.08
C VAL A 14 3.05 21.37 17.29
N GLN A 15 2.74 22.60 16.91
CA GLN A 15 1.54 22.93 16.15
C GLN A 15 1.53 22.12 14.86
N SER A 16 2.71 21.93 14.28
CA SER A 16 2.85 21.25 13.00
C SER A 16 2.63 19.76 13.15
N VAL A 17 3.27 19.16 14.16
CA VAL A 17 3.12 17.74 14.42
C VAL A 17 1.66 17.42 14.72
N CYS A 18 1.02 18.27 15.50
CA CYS A 18 -0.39 18.13 15.84
C CYS A 18 -1.34 18.31 14.63
N LYS A 19 -0.86 18.97 13.59
CA LYS A 19 -1.70 19.16 12.41
C LYS A 19 -1.55 18.03 11.41
N SER A 20 -0.34 17.48 11.31
CA SER A 20 -0.13 16.25 10.55
C SER A 20 -0.94 15.10 11.11
N TYR A 21 -0.97 15.00 12.44
CA TYR A 21 -1.76 13.96 13.08
C TYR A 21 -3.25 14.11 12.75
N ARG A 22 -3.75 15.32 12.96
CA ARG A 22 -5.15 15.63 12.71
C ARG A 22 -5.55 15.26 11.29
N GLU A 23 -4.66 15.54 10.35
CA GLU A 23 -4.89 15.22 8.95
C GLU A 23 -4.80 13.74 8.66
N THR A 24 -4.23 12.99 9.59
CA THR A 24 -3.98 11.58 9.32
C THR A 24 -4.46 10.64 10.42
N CYS A 25 -5.30 11.13 11.32
CA CYS A 25 -5.67 10.32 12.48
C CYS A 25 -6.69 9.23 12.15
N GLN A 26 -7.12 9.19 10.89
CA GLN A 26 -7.97 8.13 10.35
C GLN A 26 -9.42 8.20 10.83
N LEU A 27 -9.64 8.11 12.14
CA LEU A 27 -10.98 8.21 12.69
C LEU A 27 -11.11 9.40 13.64
N ARG A 28 -12.19 10.16 13.47
CA ARG A 28 -12.45 11.30 14.34
C ARG A 28 -12.79 10.85 15.74
N LEU A 29 -12.08 11.43 16.71
CA LEU A 29 -12.33 11.21 18.12
C LEU A 29 -13.82 11.34 18.45
N GLU A 30 -14.48 12.30 17.83
CA GLU A 30 -15.86 12.59 18.18
C GLU A 30 -16.81 11.51 17.71
N ASP A 31 -16.53 10.94 16.55
CA ASP A 31 -17.28 9.78 16.09
C ASP A 31 -17.04 8.57 16.98
N LEU A 32 -15.77 8.37 17.35
CA LEU A 32 -15.40 7.29 18.26
C LEU A 32 -16.20 7.36 19.54
N LEU A 33 -16.25 8.53 20.13
CA LEU A 33 -16.92 8.72 21.42
C LEU A 33 -18.44 8.65 21.37
N ARG A 34 -19.03 9.29 20.37
CA ARG A 34 -20.48 9.29 20.23
C ARG A 34 -21.04 7.86 20.07
N GLN A 35 -20.16 6.95 19.63
CA GLN A 35 -20.58 5.58 19.33
C GLN A 35 -20.28 4.59 20.44
N ARG A 36 -19.78 5.08 21.58
CA ARG A 36 -19.50 4.21 22.71
C ARG A 36 -20.69 3.38 23.20
N SER A 37 -21.89 3.91 23.03
CA SER A 37 -23.11 3.20 23.39
C SER A 37 -23.57 2.22 22.30
N ASN A 38 -22.84 2.20 21.19
CA ASN A 38 -23.13 1.27 20.10
C ASN A 38 -22.29 0.01 20.26
N ILE A 39 -22.84 -0.96 20.98
CA ILE A 39 -22.11 -2.13 21.43
C ILE A 39 -22.68 -3.38 20.78
N PHE A 40 -21.82 -4.32 20.42
CA PHE A 40 -22.28 -5.58 19.83
C PHE A 40 -23.19 -6.39 20.75
N SER A 41 -24.36 -6.77 20.24
CA SER A 41 -25.23 -7.70 20.96
C SER A 41 -24.51 -9.05 21.03
N ARG A 42 -24.85 -9.88 22.01
CA ARG A 42 -24.21 -11.17 22.19
C ARG A 42 -24.46 -12.08 20.99
N GLU A 43 -25.58 -11.85 20.30
CA GLU A 43 -25.84 -12.49 19.03
C GLU A 43 -24.75 -12.14 18.02
N GLU A 44 -24.42 -10.86 17.95
CA GLU A 44 -23.44 -10.41 16.97
C GLU A 44 -22.04 -10.88 17.33
N VAL A 45 -21.79 -10.99 18.64
CA VAL A 45 -20.53 -11.52 19.16
C VAL A 45 -20.36 -12.97 18.74
N THR A 46 -21.37 -13.75 19.07
CA THR A 46 -21.44 -15.16 18.70
C THR A 46 -21.17 -15.33 17.22
N GLY A 47 -21.65 -14.37 16.43
CA GLY A 47 -21.43 -14.39 15.00
C GLY A 47 -19.96 -14.29 14.66
N TYR A 48 -19.26 -13.39 15.35
CA TYR A 48 -17.82 -13.23 15.14
C TYR A 48 -17.05 -14.46 15.64
N GLN A 49 -17.51 -15.04 16.74
CA GLN A 49 -16.86 -16.22 17.30
C GLN A 49 -16.97 -17.46 16.41
N ARG A 50 -18.10 -17.61 15.71
CA ARG A 50 -18.28 -18.76 14.82
C ARG A 50 -17.37 -18.72 13.59
N LYS A 51 -16.94 -17.52 13.19
CA LYS A 51 -16.09 -17.37 12.02
C LYS A 51 -14.78 -18.14 12.18
N SER A 52 -14.17 -18.55 11.06
CA SER A 52 -12.91 -19.27 11.14
C SER A 52 -11.82 -18.29 11.50
N MET A 53 -10.74 -18.80 12.08
CA MET A 53 -9.60 -17.97 12.45
C MET A 53 -9.11 -17.18 11.23
N TRP A 54 -9.29 -17.77 10.06
CA TRP A 54 -8.83 -17.17 8.80
C TRP A 54 -9.66 -15.99 8.38
N GLU A 55 -10.98 -16.09 8.51
CA GLU A 55 -11.85 -14.97 8.20
C GLU A 55 -11.48 -13.79 9.09
N MET A 56 -11.29 -14.08 10.37
CA MET A 56 -10.93 -13.05 11.33
C MET A 56 -9.58 -12.45 10.96
N TRP A 57 -8.67 -13.29 10.50
CA TRP A 57 -7.36 -12.81 10.05
C TRP A 57 -7.49 -11.87 8.86
N GLU A 58 -8.36 -12.21 7.93
CA GLU A 58 -8.60 -11.36 6.78
C GLU A 58 -9.08 -9.97 7.19
N ARG A 59 -10.00 -9.93 8.15
CA ARG A 59 -10.57 -8.66 8.59
C ARG A 59 -9.54 -7.83 9.32
N CYS A 60 -8.90 -8.44 10.31
CA CYS A 60 -7.89 -7.78 11.12
C CYS A 60 -6.71 -7.26 10.29
N ALA A 61 -6.28 -8.06 9.32
CA ALA A 61 -5.18 -7.68 8.43
C ALA A 61 -5.54 -6.45 7.60
N HIS A 62 -6.78 -6.42 7.13
CA HIS A 62 -7.29 -5.29 6.36
C HIS A 62 -7.31 -4.02 7.21
N HIS A 63 -7.81 -4.16 8.43
CA HIS A 63 -7.87 -3.02 9.34
C HIS A 63 -6.49 -2.54 9.72
N LEU A 64 -5.55 -3.47 9.84
CA LEU A 64 -4.21 -3.08 10.21
C LEU A 64 -3.46 -2.54 9.01
N THR A 65 -3.77 -3.04 7.84
CA THR A 65 -3.18 -2.50 6.62
C THR A 65 -3.63 -1.07 6.42
N GLU A 66 -4.92 -0.85 6.66
CA GLU A 66 -5.51 0.47 6.50
C GLU A 66 -4.91 1.45 7.50
N ALA A 67 -4.87 1.02 8.76
CA ALA A 67 -4.27 1.80 9.82
C ALA A 67 -2.82 2.21 9.52
N ILE A 68 -2.05 1.29 8.97
CA ILE A 68 -0.64 1.52 8.70
C ILE A 68 -0.46 2.52 7.57
N GLN A 69 -1.35 2.44 6.58
CA GLN A 69 -1.40 3.44 5.51
C GLN A 69 -1.40 4.86 6.12
N TYR A 70 -2.27 5.08 7.10
CA TYR A 70 -2.41 6.38 7.74
C TYR A 70 -1.17 6.80 8.51
N VAL A 71 -0.53 5.83 9.17
CA VAL A 71 0.68 6.10 9.92
C VAL A 71 1.78 6.56 8.98
N VAL A 72 1.88 5.92 7.82
CA VAL A 72 2.85 6.31 6.81
C VAL A 72 2.61 7.74 6.33
N GLU A 73 1.36 8.06 6.02
CA GLU A 73 0.99 9.41 5.59
C GLU A 73 1.36 10.42 6.67
N PHE A 74 1.08 10.07 7.91
CA PHE A 74 1.49 10.88 9.05
C PHE A 74 2.98 11.18 9.03
N ALA A 75 3.80 10.15 8.87
CA ALA A 75 5.25 10.29 8.91
C ALA A 75 5.73 11.16 7.76
N LYS A 76 5.15 10.96 6.59
CA LYS A 76 5.45 11.79 5.43
C LYS A 76 5.22 13.26 5.72
N ARG A 77 4.22 13.55 6.55
CA ARG A 77 3.87 14.93 6.87
C ARG A 77 4.71 15.45 8.02
N LEU A 78 5.64 14.64 8.51
CA LEU A 78 6.55 15.11 9.52
C LEU A 78 7.67 15.86 8.84
N SER A 79 7.94 17.07 9.32
CA SER A 79 8.99 17.87 8.72
C SER A 79 10.31 17.17 8.96
N GLY A 80 11.16 17.13 7.95
CA GLY A 80 12.43 16.44 8.08
C GLY A 80 12.37 15.02 7.54
N PHE A 81 11.24 14.34 7.78
CA PHE A 81 11.12 12.93 7.43
C PHE A 81 11.40 12.63 5.94
N MET A 82 10.87 13.45 5.05
CA MET A 82 11.00 13.21 3.61
C MET A 82 12.40 13.54 3.11
N GLU A 83 13.03 14.49 3.78
CA GLU A 83 14.40 14.89 3.52
C GLU A 83 15.40 13.77 3.79
N LEU A 84 14.98 12.78 4.58
CA LEU A 84 15.87 11.67 4.90
C LEU A 84 16.09 10.81 3.68
N CYS A 85 17.22 10.12 3.64
CA CYS A 85 17.46 9.19 2.55
C CYS A 85 16.42 8.11 2.66
N GLN A 86 16.09 7.49 1.54
CA GLN A 86 14.92 6.64 1.47
C GLN A 86 15.11 5.33 2.21
N ASN A 87 16.36 4.86 2.27
CA ASN A 87 16.67 3.69 3.10
C ASN A 87 16.26 3.89 4.54
N ASP A 88 16.51 5.08 5.06
CA ASP A 88 16.23 5.36 6.46
C ASP A 88 14.73 5.51 6.68
N GLN A 89 14.05 6.13 5.73
CA GLN A 89 12.61 6.25 5.77
C GLN A 89 11.95 4.87 5.93
N ILE A 90 12.45 3.88 5.20
CA ILE A 90 11.98 2.50 5.37
C ILE A 90 12.28 1.97 6.77
N VAL A 91 13.53 2.10 7.17
CA VAL A 91 14.02 1.58 8.44
C VAL A 91 13.11 2.01 9.59
N LEU A 92 12.76 3.29 9.59
CA LEU A 92 11.99 3.88 10.68
C LEU A 92 10.57 3.37 10.68
N LEU A 93 9.97 3.30 9.49
CA LEU A 93 8.59 2.87 9.38
C LEU A 93 8.45 1.39 9.65
N LYS A 94 9.38 0.61 9.12
CA LYS A 94 9.35 -0.83 9.34
C LYS A 94 9.48 -1.17 10.81
N ALA A 95 10.27 -0.38 11.53
CA ALA A 95 10.49 -0.60 12.95
C ALA A 95 9.40 0.04 13.82
N GLY A 96 8.79 1.13 13.35
CA GLY A 96 7.91 1.93 14.19
C GLY A 96 6.41 1.96 13.88
N ALA A 97 6.01 1.62 12.66
CA ALA A 97 4.62 1.79 12.25
C ALA A 97 3.63 1.00 13.10
N MET A 98 4.03 -0.20 13.49
CA MET A 98 3.14 -1.10 14.23
C MET A 98 2.95 -0.57 15.64
N GLU A 99 4.05 -0.08 16.22
CA GLU A 99 4.02 0.48 17.56
C GLU A 99 3.09 1.69 17.62
N VAL A 100 3.16 2.54 16.60
CA VAL A 100 2.30 3.71 16.48
C VAL A 100 0.84 3.31 16.39
N VAL A 101 0.58 2.24 15.65
CA VAL A 101 -0.78 1.73 15.51
C VAL A 101 -1.31 1.24 16.86
N LEU A 102 -0.47 0.54 17.61
CA LEU A 102 -0.89 0.04 18.92
C LEU A 102 -1.17 1.19 19.86
N VAL A 103 -0.44 2.28 19.66
CA VAL A 103 -0.64 3.48 20.46
C VAL A 103 -1.92 4.22 20.04
N ARG A 104 -2.10 4.43 18.73
CA ARG A 104 -3.30 5.08 18.21
C ARG A 104 -4.57 4.34 18.63
N MET A 105 -4.43 3.03 18.79
CA MET A 105 -5.53 2.15 19.13
C MET A 105 -6.35 2.59 20.35
N CYS A 106 -5.71 3.22 21.33
CA CYS A 106 -6.38 3.56 22.58
C CYS A 106 -7.51 4.59 22.39
N ARG A 107 -7.53 5.28 21.25
CA ARG A 107 -8.59 6.23 20.96
C ARG A 107 -9.88 5.47 20.76
N ALA A 108 -9.73 4.24 20.26
CA ALA A 108 -10.89 3.43 19.98
C ALA A 108 -11.19 2.48 21.13
N TYR A 109 -10.57 2.73 22.29
CA TYR A 109 -10.76 1.85 23.45
C TYR A 109 -11.55 2.51 24.57
N ASN A 110 -12.62 1.85 24.99
CA ASN A 110 -13.43 2.33 26.10
C ASN A 110 -13.05 1.62 27.39
N ALA A 111 -12.33 2.31 28.28
CA ALA A 111 -11.86 1.70 29.50
C ALA A 111 -12.99 1.41 30.50
N ASP A 112 -14.13 2.05 30.31
CA ASP A 112 -15.24 1.96 31.26
C ASP A 112 -16.00 0.63 31.15
N ASN A 113 -15.88 -0.02 30.01
CA ASN A 113 -16.40 -1.39 29.83
C ASN A 113 -15.42 -2.30 29.10
N ARG A 114 -14.16 -1.87 29.01
CA ARG A 114 -13.08 -2.65 28.39
C ARG A 114 -13.47 -3.21 27.01
N THR A 115 -13.96 -2.33 26.15
CA THR A 115 -14.29 -2.70 24.77
C THR A 115 -13.58 -1.79 23.78
N VAL A 116 -13.57 -2.23 22.52
CA VAL A 116 -12.87 -1.55 21.45
C VAL A 116 -13.75 -1.42 20.21
N PHE A 117 -13.55 -0.33 19.48
CA PHE A 117 -14.30 -0.07 18.27
C PHE A 117 -13.75 -0.90 17.12
N PHE A 118 -14.57 -1.82 16.65
CA PHE A 118 -14.19 -2.76 15.59
C PHE A 118 -15.36 -2.95 14.61
N GLU A 119 -15.12 -2.67 13.34
CA GLU A 119 -16.15 -2.75 12.29
C GLU A 119 -17.50 -2.19 12.71
N GLY A 120 -17.51 -0.92 13.09
CA GLY A 120 -18.75 -0.19 13.31
C GLY A 120 -19.35 -0.17 14.72
N LYS A 121 -18.90 -1.07 15.59
CA LYS A 121 -19.37 -1.05 16.97
C LYS A 121 -18.27 -1.37 17.97
N TYR A 122 -18.60 -1.26 19.25
CA TYR A 122 -17.68 -1.62 20.31
C TYR A 122 -17.89 -3.07 20.75
N GLY A 123 -16.78 -3.81 20.84
CA GLY A 123 -16.80 -5.17 21.35
C GLY A 123 -15.65 -5.46 22.32
N GLY A 124 -15.86 -6.36 23.27
CA GLY A 124 -14.80 -6.76 24.18
C GLY A 124 -13.91 -7.81 23.51
N MET A 125 -12.96 -8.36 24.25
CA MET A 125 -11.92 -9.19 23.61
C MET A 125 -12.41 -10.58 23.19
N GLU A 126 -13.51 -11.04 23.76
CA GLU A 126 -14.06 -12.34 23.36
C GLU A 126 -14.52 -12.35 21.89
N LEU A 127 -14.72 -11.16 21.33
CA LEU A 127 -15.00 -10.98 19.92
C LEU A 127 -13.97 -11.68 19.02
N PHE A 128 -12.73 -11.77 19.51
CA PHE A 128 -11.59 -12.19 18.72
C PHE A 128 -11.17 -13.63 19.00
N ARG A 129 -12.03 -14.36 19.69
CA ARG A 129 -11.78 -15.73 20.13
C ARG A 129 -11.31 -16.68 19.01
N ALA A 130 -11.85 -16.51 17.82
CA ALA A 130 -11.58 -17.45 16.73
C ALA A 130 -10.12 -17.46 16.34
N LEU A 131 -9.43 -16.33 16.56
CA LEU A 131 -8.01 -16.22 16.27
C LEU A 131 -7.12 -17.11 17.14
N GLY A 132 -7.67 -17.55 18.27
CA GLY A 132 -6.93 -18.39 19.21
C GLY A 132 -5.63 -17.82 19.73
N CYS A 133 -5.59 -16.52 19.99
CA CYS A 133 -4.43 -15.91 20.63
C CYS A 133 -4.86 -14.87 21.64
N SER A 134 -5.47 -15.30 22.73
CA SER A 134 -6.03 -14.40 23.72
C SER A 134 -5.00 -13.74 24.65
N GLU A 135 -3.79 -14.29 24.72
CA GLU A 135 -2.75 -13.63 25.51
C GLU A 135 -2.21 -12.40 24.80
N LEU A 136 -2.14 -12.49 23.48
CA LEU A 136 -1.81 -11.34 22.67
C LEU A 136 -2.95 -10.32 22.71
N ILE A 137 -4.17 -10.81 22.59
CA ILE A 137 -5.32 -9.92 22.53
C ILE A 137 -5.55 -9.20 23.86
N SER A 138 -5.35 -9.91 24.97
CA SER A 138 -5.58 -9.31 26.28
C SER A 138 -4.48 -8.31 26.60
N SER A 139 -3.26 -8.62 26.16
CA SER A 139 -2.13 -7.73 26.41
C SER A 139 -2.28 -6.43 25.65
N ILE A 140 -2.85 -6.51 24.45
CA ILE A 140 -3.19 -5.30 23.71
C ILE A 140 -4.25 -4.49 24.46
N PHE A 141 -5.29 -5.16 24.94
CA PHE A 141 -6.33 -4.48 25.70
C PHE A 141 -5.76 -3.82 26.94
N ASP A 142 -4.82 -4.51 27.59
CA ASP A 142 -4.19 -3.95 28.80
C ASP A 142 -3.37 -2.74 28.44
N PHE A 143 -2.68 -2.81 27.31
CA PHE A 143 -1.84 -1.71 26.88
C PHE A 143 -2.70 -0.50 26.53
N SER A 144 -3.85 -0.76 25.92
CA SER A 144 -4.74 0.32 25.56
C SER A 144 -5.43 0.87 26.79
N HIS A 145 -5.69 0.01 27.75
CA HIS A 145 -6.30 0.44 29.00
C HIS A 145 -5.40 1.38 29.76
N SER A 146 -4.15 1.00 29.91
CA SER A 146 -3.16 1.85 30.56
C SER A 146 -3.15 3.28 29.99
N LEU A 147 -3.19 3.39 28.66
CA LEU A 147 -3.13 4.71 28.01
C LEU A 147 -4.42 5.51 28.15
N SER A 148 -5.56 4.83 28.07
CA SER A 148 -6.86 5.49 28.27
C SER A 148 -7.00 6.04 29.70
N ALA A 149 -6.37 5.35 30.65
CA ALA A 149 -6.35 5.78 32.05
C ALA A 149 -5.63 7.11 32.22
N LEU A 150 -4.57 7.31 31.43
CA LEU A 150 -3.84 8.58 31.43
C LEU A 150 -4.64 9.70 30.75
N HIS A 151 -5.77 9.35 30.14
CA HIS A 151 -6.61 10.29 29.40
C HIS A 151 -5.80 10.96 28.30
N PHE A 152 -5.07 10.14 27.58
CA PHE A 152 -4.06 10.58 26.64
C PHE A 152 -4.72 11.42 25.55
N SER A 153 -4.32 12.69 25.43
CA SER A 153 -4.97 13.62 24.50
C SER A 153 -4.46 13.45 23.08
N GLU A 154 -5.20 14.02 22.13
CA GLU A 154 -4.88 13.89 20.72
C GLU A 154 -3.49 14.44 20.42
N ASP A 155 -3.17 15.57 21.02
CA ASP A 155 -1.89 16.20 20.80
C ASP A 155 -0.77 15.41 21.46
N GLU A 156 -1.04 14.81 22.62
CA GLU A 156 -0.08 13.92 23.25
C GLU A 156 0.23 12.71 22.36
N ILE A 157 -0.81 12.13 21.79
CA ILE A 157 -0.64 11.05 20.85
C ILE A 157 0.22 11.49 19.66
N ALA A 158 -0.12 12.64 19.09
CA ALA A 158 0.60 13.23 17.96
C ALA A 158 2.09 13.32 18.24
N LEU A 159 2.42 13.95 19.36
CA LEU A 159 3.81 14.17 19.70
C LEU A 159 4.48 12.87 20.12
N TYR A 160 3.78 12.02 20.85
CA TYR A 160 4.38 10.79 21.36
C TYR A 160 4.69 9.79 20.25
N THR A 161 3.75 9.61 19.33
CA THR A 161 3.96 8.65 18.24
C THR A 161 5.01 9.15 17.24
N ALA A 162 5.14 10.47 17.11
CA ALA A 162 6.20 11.03 16.27
C ALA A 162 7.56 10.58 16.80
N LEU A 163 7.72 10.59 18.12
CA LEU A 163 8.96 10.12 18.74
C LEU A 163 9.13 8.61 18.64
N VAL A 164 8.01 7.88 18.58
CA VAL A 164 8.05 6.44 18.35
C VAL A 164 8.74 6.18 17.01
N LEU A 165 8.28 6.87 15.97
CA LEU A 165 8.89 6.78 14.66
C LEU A 165 10.29 7.34 14.63
N ILE A 166 10.44 8.60 15.02
CA ILE A 166 11.69 9.31 14.84
C ILE A 166 12.67 8.94 15.93
N ASN A 167 13.27 7.75 15.76
CA ASN A 167 14.16 7.17 16.76
C ASN A 167 15.48 6.82 16.11
N ALA A 168 16.54 7.52 16.51
CA ALA A 168 17.84 7.38 15.88
C ALA A 168 18.58 6.10 16.26
N HIS A 169 17.97 5.27 17.10
CA HIS A 169 18.62 4.05 17.56
C HIS A 169 18.24 2.79 16.76
N ARG A 170 17.30 2.93 15.84
CA ARG A 170 16.95 1.85 14.92
C ARG A 170 18.21 1.35 14.19
N PRO A 171 18.49 0.04 14.31
CA PRO A 171 19.58 -0.53 13.52
C PRO A 171 19.25 -0.47 12.03
N GLY A 172 20.21 -0.06 11.20
CA GLY A 172 19.99 -0.02 9.76
C GLY A 172 20.20 1.35 9.17
N LEU A 173 20.30 2.35 10.04
CA LEU A 173 20.31 3.73 9.60
C LEU A 173 21.67 4.11 9.02
N GLN A 174 21.63 4.71 7.83
CA GLN A 174 22.84 5.19 7.17
C GLN A 174 23.26 6.56 7.71
N GLU A 175 22.34 7.52 7.67
CA GLU A 175 22.58 8.89 8.15
C GLU A 175 21.92 9.14 9.51
N LYS A 176 22.33 8.34 10.50
CA LYS A 176 21.82 8.42 11.87
C LYS A 176 21.68 9.84 12.46
N ARG A 177 22.69 10.68 12.29
CA ARG A 177 22.71 11.98 12.96
C ARG A 177 21.61 12.94 12.51
N LYS A 178 21.15 12.77 11.28
CA LYS A 178 20.01 13.54 10.82
C LYS A 178 18.77 13.18 11.61
N VAL A 179 18.62 11.90 11.94
CA VAL A 179 17.49 11.43 12.73
C VAL A 179 17.53 11.97 14.16
N GLU A 180 18.72 11.96 14.76
CA GLU A 180 18.94 12.54 16.08
C GLU A 180 18.48 13.99 16.10
N GLN A 181 18.86 14.73 15.06
CA GLN A 181 18.39 16.10 14.85
C GLN A 181 16.89 16.20 15.01
N LEU A 182 16.15 15.39 14.25
CA LEU A 182 14.70 15.43 14.31
C LEU A 182 14.20 14.91 15.64
N GLN A 183 14.85 13.86 16.13
CA GLN A 183 14.49 13.26 17.40
C GLN A 183 14.58 14.29 18.51
N TYR A 184 15.75 14.91 18.64
CA TYR A 184 16.02 15.94 19.65
C TYR A 184 14.99 17.05 19.60
N ASN A 185 14.65 17.51 18.40
CA ASN A 185 13.69 18.60 18.26
C ASN A 185 12.30 18.19 18.67
N LEU A 186 11.96 16.94 18.38
CA LEU A 186 10.64 16.43 18.75
C LEU A 186 10.52 16.22 20.26
N GLU A 187 11.61 15.81 20.90
CA GLU A 187 11.64 15.65 22.36
C GLU A 187 11.43 17.00 23.01
N LEU A 188 12.11 18.01 22.49
CA LEU A 188 11.95 19.37 22.99
C LEU A 188 10.50 19.82 22.80
N ALA A 189 9.95 19.57 21.60
CA ALA A 189 8.56 19.93 21.32
C ALA A 189 7.61 19.26 22.29
N PHE A 190 7.82 17.97 22.47
CA PHE A 190 6.96 17.17 23.33
C PHE A 190 7.02 17.64 24.76
N HIS A 191 8.23 17.88 25.26
CA HIS A 191 8.40 18.21 26.66
C HIS A 191 7.85 19.59 26.94
N HIS A 192 8.14 20.51 26.05
CA HIS A 192 7.62 21.86 26.12
C HIS A 192 6.09 21.87 26.20
N HIS A 193 5.46 21.10 25.34
CA HIS A 193 4.02 21.13 25.24
C HIS A 193 3.36 20.58 26.52
N LEU A 194 4.00 19.58 27.12
CA LEU A 194 3.57 19.08 28.43
C LEU A 194 3.50 20.17 29.48
N CYS A 195 4.49 21.04 29.50
CA CYS A 195 4.47 22.16 30.41
C CYS A 195 3.32 23.10 30.10
N LYS A 196 3.20 23.45 28.84
CA LYS A 196 2.16 24.37 28.39
C LYS A 196 0.75 23.85 28.68
N THR A 197 0.58 22.54 28.69
CA THR A 197 -0.71 21.94 29.01
C THR A 197 -0.77 21.33 30.42
N HIS A 198 0.25 21.62 31.23
CA HIS A 198 0.32 21.11 32.60
C HIS A 198 0.19 19.60 32.72
N ARG A 199 0.83 18.86 31.82
CA ARG A 199 0.74 17.40 31.85
C ARG A 199 2.11 16.77 32.07
N GLN A 200 2.97 17.45 32.82
CA GLN A 200 4.26 16.89 33.19
C GLN A 200 4.11 15.50 33.83
N SER A 201 3.07 15.37 34.65
CA SER A 201 2.77 14.17 35.42
C SER A 201 2.74 12.84 34.67
N ILE A 202 2.47 12.87 33.37
CA ILE A 202 2.29 11.61 32.65
C ILE A 202 3.57 10.93 32.18
N LEU A 203 4.67 11.65 32.06
CA LEU A 203 5.93 11.06 31.58
C LEU A 203 6.34 9.84 32.37
N ALA A 204 6.36 9.97 33.68
CA ALA A 204 6.60 8.85 34.58
C ALA A 204 5.58 7.73 34.41
N LYS A 205 4.38 8.04 33.94
CA LYS A 205 3.32 7.03 33.90
C LYS A 205 3.18 6.33 32.54
N LEU A 206 3.99 6.70 31.57
CA LEU A 206 3.91 6.07 30.26
C LEU A 206 4.51 4.68 30.29
N PRO A 207 3.97 3.75 29.49
CA PRO A 207 4.60 2.43 29.41
C PRO A 207 6.00 2.57 28.82
N PRO A 208 6.95 1.80 29.34
CA PRO A 208 8.37 1.82 28.95
C PRO A 208 8.54 1.50 27.46
N LYS A 209 9.49 2.15 26.79
CA LYS A 209 9.66 1.93 25.36
C LYS A 209 9.98 0.46 25.06
N GLY A 210 10.47 -0.25 26.08
CA GLY A 210 10.55 -1.70 26.08
C GLY A 210 9.21 -2.40 25.92
N LYS A 211 8.24 -2.00 26.74
CA LYS A 211 6.91 -2.58 26.76
C LYS A 211 6.23 -2.53 25.40
N LEU A 212 6.30 -1.36 24.76
CA LEU A 212 5.78 -1.17 23.41
C LEU A 212 6.47 -2.12 22.41
N ARG A 213 7.78 -2.27 22.57
CA ARG A 213 8.59 -3.08 21.66
C ARG A 213 8.29 -4.58 21.76
N SER A 214 8.10 -5.08 22.98
CA SER A 214 7.91 -6.51 23.20
C SER A 214 6.48 -6.92 22.83
N LEU A 215 5.58 -5.96 22.90
CA LEU A 215 4.20 -6.15 22.43
C LEU A 215 4.18 -6.22 20.90
N CYS A 216 4.87 -5.28 20.26
CA CYS A 216 4.86 -5.16 18.81
C CYS A 216 5.56 -6.32 18.08
N SER A 217 6.68 -6.78 18.63
CA SER A 217 7.38 -7.95 18.08
C SER A 217 6.61 -9.24 18.31
N GLN A 218 5.94 -9.35 19.46
CA GLN A 218 5.09 -10.49 19.77
C GLN A 218 3.90 -10.46 18.81
N HIS A 219 3.35 -9.26 18.64
CA HIS A 219 2.27 -8.97 17.70
C HIS A 219 2.60 -9.30 16.25
N VAL A 220 3.70 -8.72 15.75
CA VAL A 220 4.13 -8.92 14.36
C VAL A 220 4.42 -10.40 14.05
N GLU A 221 4.81 -11.18 15.06
CA GLU A 221 5.19 -12.55 14.80
C GLU A 221 3.99 -13.52 14.80
N ARG A 222 2.86 -13.11 15.36
CA ARG A 222 1.63 -13.90 15.19
C ARG A 222 0.94 -13.46 13.90
N LEU A 223 1.25 -12.24 13.47
CA LEU A 223 0.85 -11.73 12.17
C LEU A 223 1.52 -12.54 11.07
N GLN A 224 2.75 -12.98 11.32
CA GLN A 224 3.59 -13.57 10.31
C GLN A 224 3.35 -15.07 10.16
N ILE A 225 2.84 -15.69 11.22
CA ILE A 225 2.29 -17.04 11.14
C ILE A 225 0.98 -17.07 10.39
N PHE A 226 0.15 -16.05 10.62
CA PHE A 226 -1.06 -15.86 9.82
C PHE A 226 -0.85 -15.61 8.32
N GLN A 227 0.27 -15.00 7.93
CA GLN A 227 0.48 -14.64 6.52
C GLN A 227 1.46 -15.57 5.78
N HIS A 228 2.13 -16.44 6.52
CA HIS A 228 2.68 -17.67 5.96
C HIS A 228 1.67 -18.32 4.99
N LEU A 229 0.83 -19.19 5.55
CA LEU A 229 -0.57 -19.38 5.18
C LEU A 229 -1.22 -18.08 4.79
N HIS A 230 -2.07 -18.07 3.76
CA HIS A 230 -2.99 -16.93 3.60
C HIS A 230 -2.41 -15.55 3.27
N PRO A 231 -1.61 -15.44 2.20
CA PRO A 231 -1.41 -14.07 1.76
C PRO A 231 -2.73 -13.38 1.41
N ALA B 5 18.47 -27.58 -15.27
CA ALA B 5 17.22 -27.23 -15.91
C ALA B 5 16.99 -28.11 -17.13
N SER B 6 15.73 -28.50 -17.32
CA SER B 6 15.31 -29.23 -18.50
C SER B 6 14.06 -28.57 -19.08
N LEU B 7 13.50 -29.14 -20.14
CA LEU B 7 12.24 -28.63 -20.67
C LEU B 7 11.13 -28.76 -19.65
N THR B 8 11.21 -29.81 -18.84
CA THR B 8 10.20 -30.07 -17.82
C THR B 8 10.15 -28.91 -16.85
N GLU B 9 11.31 -28.39 -16.50
CA GLU B 9 11.40 -27.25 -15.59
C GLU B 9 11.05 -25.93 -16.28
N ILE B 10 11.33 -25.82 -17.57
CA ILE B 10 10.85 -24.68 -18.33
C ILE B 10 9.34 -24.62 -18.32
N GLU B 11 8.72 -25.76 -18.61
CA GLU B 11 7.27 -25.82 -18.65
C GLU B 11 6.65 -25.55 -17.28
N HIS B 12 7.35 -25.93 -16.22
CA HIS B 12 6.87 -25.69 -14.87
C HIS B 12 6.91 -24.20 -14.53
N LEU B 13 8.00 -23.56 -14.93
CA LEU B 13 8.14 -22.11 -14.75
C LEU B 13 7.00 -21.38 -15.48
N VAL B 14 6.74 -21.80 -16.72
CA VAL B 14 5.67 -21.22 -17.53
C VAL B 14 4.33 -21.37 -16.81
N GLN B 15 4.04 -22.60 -16.41
CA GLN B 15 2.82 -22.94 -15.69
C GLN B 15 2.69 -22.09 -14.44
N SER B 16 3.82 -21.87 -13.78
CA SER B 16 3.87 -21.15 -12.51
C SER B 16 3.65 -19.66 -12.71
N VAL B 17 4.33 -19.08 -13.69
CA VAL B 17 4.17 -17.69 -14.03
C VAL B 17 2.72 -17.41 -14.43
N CYS B 18 2.14 -18.33 -15.21
CA CYS B 18 0.76 -18.17 -15.68
C CYS B 18 -0.33 -18.22 -14.62
N LYS B 19 -0.11 -18.89 -13.50
CA LYS B 19 -1.14 -18.88 -12.47
C LYS B 19 -0.89 -17.82 -11.40
N SER B 20 0.35 -17.41 -11.21
CA SER B 20 0.61 -16.21 -10.42
C SER B 20 -0.14 -15.05 -11.04
N TYR B 21 -0.11 -14.96 -12.37
CA TYR B 21 -0.88 -13.95 -13.07
C TYR B 21 -2.37 -14.12 -12.84
N ARG B 22 -2.84 -15.34 -13.05
CA ARG B 22 -4.25 -15.67 -12.85
C ARG B 22 -4.70 -15.29 -11.46
N GLU B 23 -3.86 -15.56 -10.47
CA GLU B 23 -4.18 -15.24 -9.09
C GLU B 23 -4.14 -13.74 -8.82
N THR B 24 -3.56 -12.97 -9.75
CA THR B 24 -3.36 -11.54 -9.53
C THR B 24 -3.76 -10.65 -10.70
N CYS B 25 -4.55 -11.18 -11.62
CA CYS B 25 -4.83 -10.44 -12.85
C CYS B 25 -5.84 -9.33 -12.64
N GLN B 26 -6.32 -9.22 -11.40
CA GLN B 26 -7.17 -8.12 -10.94
C GLN B 26 -8.59 -8.18 -11.49
N LEU B 27 -8.72 -8.11 -12.81
CA LEU B 27 -10.04 -8.21 -13.43
C LEU B 27 -10.08 -9.42 -14.33
N ARG B 28 -11.14 -10.20 -14.21
CA ARG B 28 -11.32 -11.39 -15.04
C ARG B 28 -11.59 -10.96 -16.48
N LEU B 29 -10.83 -11.54 -17.42
CA LEU B 29 -11.02 -11.29 -18.85
C LEU B 29 -12.47 -11.33 -19.37
N GLU B 30 -13.25 -12.31 -18.96
CA GLU B 30 -14.57 -12.50 -19.53
C GLU B 30 -15.59 -11.46 -19.03
N ASP B 31 -15.44 -11.03 -17.79
CA ASP B 31 -16.23 -9.89 -17.31
C ASP B 31 -15.90 -8.66 -18.17
N LEU B 32 -14.61 -8.47 -18.44
CA LEU B 32 -14.15 -7.39 -19.31
C LEU B 32 -14.83 -7.46 -20.67
N LEU B 33 -14.81 -8.64 -21.29
CA LEU B 33 -15.39 -8.82 -22.62
C LEU B 33 -16.93 -8.76 -22.65
N ARG B 34 -17.61 -9.46 -21.74
CA ARG B 34 -19.09 -9.44 -21.70
C ARG B 34 -19.63 -8.05 -21.49
N GLN B 35 -18.80 -7.16 -20.96
CA GLN B 35 -19.24 -5.81 -20.64
C GLN B 35 -18.86 -4.77 -21.68
N ARG B 36 -18.25 -5.19 -22.79
CA ARG B 36 -17.89 -4.25 -23.85
C ARG B 36 -19.08 -3.47 -24.41
N SER B 37 -20.27 -4.05 -24.34
CA SER B 37 -21.47 -3.38 -24.78
C SER B 37 -22.00 -2.38 -23.75
N ASN B 38 -21.36 -2.34 -22.58
CA ASN B 38 -21.75 -1.40 -21.53
C ASN B 38 -20.91 -0.12 -21.63
N ILE B 39 -21.45 0.85 -22.37
CA ILE B 39 -20.71 2.04 -22.77
C ILE B 39 -21.32 3.29 -22.13
N PHE B 40 -20.47 4.24 -21.70
CA PHE B 40 -20.96 5.48 -21.11
C PHE B 40 -21.80 6.27 -22.11
N SER B 41 -23.01 6.62 -21.70
CA SER B 41 -23.88 7.50 -22.47
C SER B 41 -23.29 8.90 -22.56
N ARG B 42 -23.76 9.69 -23.53
CA ARG B 42 -23.26 11.05 -23.67
C ARG B 42 -23.44 11.89 -22.43
N GLU B 43 -24.52 11.65 -21.70
CA GLU B 43 -24.75 12.37 -20.46
C GLU B 43 -23.65 12.07 -19.44
N GLU B 44 -23.33 10.79 -19.23
CA GLU B 44 -22.34 10.45 -18.20
C GLU B 44 -20.92 10.83 -18.60
N VAL B 45 -20.61 10.84 -19.90
CA VAL B 45 -19.33 11.35 -20.35
C VAL B 45 -19.16 12.81 -19.96
N THR B 46 -20.11 13.64 -20.38
CA THR B 46 -20.13 15.05 -20.02
C THR B 46 -20.04 15.24 -18.51
N GLY B 47 -20.64 14.30 -17.77
CA GLY B 47 -20.60 14.34 -16.31
C GLY B 47 -19.17 14.25 -15.84
N TYR B 48 -18.42 13.35 -16.46
CA TYR B 48 -17.01 13.18 -16.16
C TYR B 48 -16.19 14.39 -16.59
N GLN B 49 -16.53 14.97 -17.73
CA GLN B 49 -15.80 16.12 -18.21
C GLN B 49 -16.01 17.35 -17.33
N ARG B 50 -17.19 17.46 -16.72
CA ARG B 50 -17.48 18.60 -15.85
C ARG B 50 -16.64 18.60 -14.57
N LYS B 51 -16.19 17.41 -14.15
CA LYS B 51 -15.41 17.28 -12.93
C LYS B 51 -14.12 18.08 -12.99
N SER B 52 -13.62 18.51 -11.84
CA SER B 52 -12.36 19.24 -11.86
C SER B 52 -11.21 18.28 -12.09
N MET B 53 -10.09 18.79 -12.59
CA MET B 53 -8.91 17.96 -12.81
C MET B 53 -8.52 17.19 -11.56
N TRP B 54 -8.86 17.75 -10.40
CA TRP B 54 -8.54 17.16 -9.10
C TRP B 54 -9.40 15.96 -8.77
N GLU B 55 -10.69 16.08 -9.03
CA GLU B 55 -11.59 14.97 -8.82
C GLU B 55 -11.11 13.83 -9.72
N MET B 56 -10.80 14.19 -10.96
CA MET B 56 -10.29 13.22 -11.92
C MET B 56 -8.94 12.64 -11.53
N TRP B 57 -8.04 13.46 -11.00
CA TRP B 57 -6.76 12.90 -10.60
C TRP B 57 -6.92 11.91 -9.45
N GLU B 58 -7.78 12.24 -8.49
CA GLU B 58 -8.03 11.37 -7.34
C GLU B 58 -8.47 9.97 -7.77
N ARG B 59 -9.38 9.92 -8.73
CA ARG B 59 -9.92 8.65 -9.18
C ARG B 59 -8.84 7.80 -9.88
N CYS B 60 -8.16 8.41 -10.84
CA CYS B 60 -7.09 7.73 -11.60
C CYS B 60 -5.97 7.26 -10.69
N ALA B 61 -5.63 8.08 -9.70
CA ALA B 61 -4.59 7.70 -8.74
C ALA B 61 -5.04 6.48 -7.95
N HIS B 62 -6.30 6.45 -7.57
CA HIS B 62 -6.87 5.31 -6.84
C HIS B 62 -6.84 4.03 -7.68
N HIS B 63 -7.27 4.14 -8.92
CA HIS B 63 -7.27 2.99 -9.82
C HIS B 63 -5.87 2.53 -10.13
N LEU B 64 -4.93 3.47 -10.21
CA LEU B 64 -3.57 3.10 -10.54
C LEU B 64 -2.79 2.51 -9.38
N THR B 65 -3.06 3.00 -8.17
CA THR B 65 -2.42 2.38 -7.02
C THR B 65 -2.94 0.97 -6.82
N GLU B 66 -4.25 0.81 -7.02
CA GLU B 66 -4.88 -0.49 -6.85
C GLU B 66 -4.29 -1.47 -7.84
N ALA B 67 -4.19 -1.03 -9.09
CA ALA B 67 -3.56 -1.80 -10.16
C ALA B 67 -2.14 -2.20 -9.79
N ILE B 68 -1.40 -1.27 -9.21
CA ILE B 68 -0.02 -1.51 -8.88
C ILE B 68 0.12 -2.49 -7.73
N GLN B 69 -0.79 -2.39 -6.77
CA GLN B 69 -0.85 -3.40 -5.71
C GLN B 69 -0.84 -4.79 -6.31
N TYR B 70 -1.69 -5.00 -7.33
CA TYR B 70 -1.81 -6.31 -7.96
C TYR B 70 -0.54 -6.72 -8.69
N VAL B 71 0.12 -5.74 -9.29
CA VAL B 71 1.38 -5.98 -9.96
C VAL B 71 2.41 -6.44 -8.94
N VAL B 72 2.44 -5.78 -7.78
CA VAL B 72 3.37 -6.17 -6.72
C VAL B 72 3.08 -7.59 -6.27
N GLU B 73 1.81 -7.88 -6.05
CA GLU B 73 1.36 -9.20 -5.63
C GLU B 73 1.80 -10.26 -6.64
N PHE B 74 1.64 -9.92 -7.92
CA PHE B 74 2.12 -10.77 -8.99
C PHE B 74 3.61 -11.09 -8.84
N ALA B 75 4.40 -10.04 -8.69
CA ALA B 75 5.85 -10.15 -8.63
C ALA B 75 6.28 -10.96 -7.41
N LYS B 76 5.57 -10.76 -6.30
CA LYS B 76 5.83 -11.53 -5.09
C LYS B 76 5.68 -13.03 -5.38
N ARG B 77 4.75 -13.38 -6.26
CA ARG B 77 4.50 -14.79 -6.59
C ARG B 77 5.39 -15.35 -7.69
N LEU B 78 6.34 -14.55 -8.16
CA LEU B 78 7.27 -15.06 -9.15
C LEU B 78 8.34 -15.81 -8.43
N SER B 79 8.63 -17.02 -8.89
CA SER B 79 9.64 -17.82 -8.20
C SER B 79 10.99 -17.14 -8.35
N GLY B 80 11.72 -17.07 -7.25
CA GLY B 80 13.00 -16.39 -7.24
C GLY B 80 12.92 -14.97 -6.73
N PHE B 81 11.84 -14.26 -7.07
CA PHE B 81 11.74 -12.84 -6.78
C PHE B 81 11.98 -12.49 -5.32
N MET B 82 11.40 -13.25 -4.39
CA MET B 82 11.58 -12.91 -2.98
C MET B 82 12.95 -13.35 -2.44
N GLU B 83 13.56 -14.35 -3.07
CA GLU B 83 14.94 -14.72 -2.70
C GLU B 83 15.94 -13.58 -2.94
N LEU B 84 15.55 -12.60 -3.75
CA LEU B 84 16.39 -11.45 -4.05
C LEU B 84 16.50 -10.57 -2.84
N CYS B 85 17.60 -9.81 -2.74
CA CYS B 85 17.71 -8.84 -1.65
C CYS B 85 16.65 -7.77 -1.83
N GLN B 86 16.24 -7.17 -0.73
CA GLN B 86 15.05 -6.31 -0.73
C GLN B 86 15.33 -4.99 -1.43
N ASN B 87 16.58 -4.54 -1.42
CA ASN B 87 16.94 -3.40 -2.26
C ASN B 87 16.65 -3.66 -3.74
N ASP B 88 16.94 -4.86 -4.18
CA ASP B 88 16.77 -5.20 -5.59
C ASP B 88 15.29 -5.33 -5.93
N GLN B 89 14.53 -5.92 -5.01
CA GLN B 89 13.09 -6.01 -5.17
C GLN B 89 12.43 -4.66 -5.38
N ILE B 90 12.83 -3.65 -4.58
CA ILE B 90 12.33 -2.29 -4.76
C ILE B 90 12.72 -1.78 -6.13
N VAL B 91 14.00 -1.90 -6.44
CA VAL B 91 14.55 -1.40 -7.69
C VAL B 91 13.74 -1.87 -8.89
N LEU B 92 13.42 -3.15 -8.92
CA LEU B 92 12.73 -3.73 -10.07
C LEU B 92 11.30 -3.21 -10.16
N LEU B 93 10.63 -3.17 -9.01
CA LEU B 93 9.24 -2.75 -8.99
C LEU B 93 9.11 -1.25 -9.25
N LYS B 94 10.01 -0.47 -8.66
CA LYS B 94 10.02 0.98 -8.84
C LYS B 94 10.23 1.32 -10.31
N ALA B 95 11.04 0.52 -10.98
CA ALA B 95 11.32 0.72 -12.40
C ALA B 95 10.25 0.11 -13.30
N GLY B 96 9.64 -1.01 -12.88
CA GLY B 96 8.82 -1.78 -13.80
C GLY B 96 7.31 -1.84 -13.60
N ALA B 97 6.85 -1.59 -12.38
CA ALA B 97 5.44 -1.82 -12.05
C ALA B 97 4.52 -1.02 -12.97
N MET B 98 4.96 0.18 -13.33
CA MET B 98 4.12 1.07 -14.11
C MET B 98 3.93 0.55 -15.52
N GLU B 99 5.01 0.01 -16.07
CA GLU B 99 5.02 -0.55 -17.41
C GLU B 99 4.10 -1.75 -17.50
N VAL B 100 4.16 -2.56 -16.44
CA VAL B 100 3.36 -3.75 -16.35
C VAL B 100 1.89 -3.37 -16.37
N VAL B 101 1.55 -2.31 -15.67
CA VAL B 101 0.21 -1.79 -15.64
C VAL B 101 -0.22 -1.30 -17.01
N LEU B 102 0.67 -0.60 -17.70
CA LEU B 102 0.37 -0.08 -19.03
C LEU B 102 0.18 -1.25 -20.01
N VAL B 103 0.87 -2.36 -19.77
CA VAL B 103 0.71 -3.56 -20.59
C VAL B 103 -0.59 -4.29 -20.26
N ARG B 104 -0.83 -4.50 -18.96
CA ARG B 104 -2.06 -5.14 -18.50
C ARG B 104 -3.31 -4.42 -18.96
N MET B 105 -3.19 -3.11 -19.13
CA MET B 105 -4.32 -2.25 -19.52
C MET B 105 -5.06 -2.74 -20.77
N CYS B 106 -4.34 -3.33 -21.72
CA CYS B 106 -4.94 -3.68 -23.01
C CYS B 106 -6.06 -4.72 -22.90
N ARG B 107 -6.17 -5.40 -21.76
CA ARG B 107 -7.25 -6.34 -21.56
C ARG B 107 -8.54 -5.54 -21.44
N ALA B 108 -8.39 -4.33 -20.92
CA ALA B 108 -9.51 -3.44 -20.68
C ALA B 108 -9.71 -2.47 -21.84
N TYR B 109 -9.03 -2.72 -22.95
CA TYR B 109 -9.13 -1.84 -24.10
C TYR B 109 -9.86 -2.50 -25.25
N ASN B 110 -10.90 -1.83 -25.74
CA ASN B 110 -11.63 -2.32 -26.90
C ASN B 110 -11.24 -1.59 -28.18
N ALA B 111 -10.48 -2.24 -29.05
CA ALA B 111 -10.02 -1.61 -30.27
C ALA B 111 -11.14 -1.40 -31.32
N ASP B 112 -12.26 -2.10 -31.17
CA ASP B 112 -13.28 -2.05 -32.21
C ASP B 112 -14.06 -0.73 -32.15
N ASN B 113 -13.99 -0.08 -30.99
CA ASN B 113 -14.55 1.25 -30.83
C ASN B 113 -13.64 2.20 -30.05
N ARG B 114 -12.37 1.83 -29.91
CA ARG B 114 -11.36 2.66 -29.25
C ARG B 114 -11.80 3.19 -27.88
N THR B 115 -12.29 2.30 -27.02
CA THR B 115 -12.69 2.66 -25.66
C THR B 115 -12.00 1.80 -24.61
N VAL B 116 -12.08 2.21 -23.35
CA VAL B 116 -11.42 1.53 -22.26
C VAL B 116 -12.38 1.34 -21.09
N PHE B 117 -12.20 0.26 -20.33
CA PHE B 117 -13.05 -0.01 -19.18
C PHE B 117 -12.63 0.87 -17.99
N PHE B 118 -13.53 1.76 -17.59
CA PHE B 118 -13.23 2.70 -16.51
C PHE B 118 -14.46 2.85 -15.63
N GLU B 119 -14.30 2.57 -14.34
CA GLU B 119 -15.39 2.64 -13.35
C GLU B 119 -16.72 2.09 -13.85
N GLY B 120 -16.72 0.81 -14.19
CA GLY B 120 -17.96 0.10 -14.46
C GLY B 120 -18.45 0.08 -15.88
N LYS B 121 -17.97 1.00 -16.72
CA LYS B 121 -18.32 1.01 -18.13
C LYS B 121 -17.15 1.37 -19.06
N TYR B 122 -17.40 1.27 -20.35
CA TYR B 122 -16.42 1.65 -21.36
C TYR B 122 -16.62 3.08 -21.87
N GLY B 123 -15.53 3.84 -21.89
CA GLY B 123 -15.52 5.18 -22.46
C GLY B 123 -14.27 5.44 -23.28
N GLY B 124 -14.40 6.33 -24.27
CA GLY B 124 -13.24 6.73 -25.05
C GLY B 124 -12.48 7.80 -24.30
N MET B 125 -11.48 8.37 -24.95
CA MET B 125 -10.52 9.22 -24.25
C MET B 125 -11.07 10.59 -23.88
N GLU B 126 -12.16 11.01 -24.52
CA GLU B 126 -12.78 12.28 -24.16
C GLU B 126 -13.33 12.26 -22.72
N LEU B 127 -13.53 11.07 -22.18
CA LEU B 127 -13.89 10.88 -20.78
C LEU B 127 -12.91 11.56 -19.80
N PHE B 128 -11.65 11.66 -20.21
CA PHE B 128 -10.58 12.10 -19.31
C PHE B 128 -10.16 13.53 -19.58
N ARG B 129 -10.97 14.25 -20.34
CA ARG B 129 -10.67 15.62 -20.75
C ARG B 129 -10.26 16.56 -19.62
N ALA B 130 -10.88 16.41 -18.45
CA ALA B 130 -10.69 17.36 -17.34
C ALA B 130 -9.25 17.36 -16.86
N LEU B 131 -8.56 16.25 -17.05
CA LEU B 131 -7.15 16.16 -16.71
C LEU B 131 -6.34 17.11 -17.59
N GLY B 132 -6.95 17.55 -18.69
CA GLY B 132 -6.31 18.50 -19.59
C GLY B 132 -4.99 18.00 -20.12
N CYS B 133 -4.97 16.73 -20.48
CA CYS B 133 -3.77 16.13 -21.05
C CYS B 133 -3.98 15.13 -22.20
N SER B 134 -4.45 15.59 -23.35
CA SER B 134 -4.82 14.64 -24.39
C SER B 134 -3.61 13.97 -25.05
N GLU B 135 -2.41 14.52 -24.88
CA GLU B 135 -1.24 13.88 -25.48
C GLU B 135 -0.72 12.65 -24.74
N LEU B 136 -0.81 12.65 -23.42
CA LEU B 136 -0.48 11.44 -22.67
C LEU B 136 -1.55 10.36 -22.83
N ILE B 137 -2.80 10.78 -22.75
CA ILE B 137 -3.92 9.83 -22.80
C ILE B 137 -4.05 9.20 -24.18
N SER B 138 -3.79 9.95 -25.24
CA SER B 138 -3.95 9.40 -26.58
C SER B 138 -2.87 8.37 -26.82
N SER B 139 -1.67 8.64 -26.32
CA SER B 139 -0.54 7.75 -26.53
C SER B 139 -0.74 6.43 -25.78
N ILE B 140 -1.37 6.50 -24.62
CA ILE B 140 -1.75 5.28 -23.92
C ILE B 140 -2.77 4.51 -24.75
N PHE B 141 -3.76 5.22 -25.28
CA PHE B 141 -4.77 4.59 -26.13
C PHE B 141 -4.12 3.95 -27.36
N ASP B 142 -3.12 4.62 -27.90
CA ASP B 142 -2.40 4.12 -29.05
C ASP B 142 -1.60 2.87 -28.68
N PHE B 143 -0.99 2.92 -27.49
CA PHE B 143 -0.16 1.81 -27.07
C PHE B 143 -1.00 0.57 -26.84
N SER B 144 -2.18 0.77 -26.28
CA SER B 144 -3.07 -0.34 -26.00
C SER B 144 -3.64 -0.90 -27.28
N HIS B 145 -3.84 -0.02 -28.26
CA HIS B 145 -4.38 -0.44 -29.54
C HIS B 145 -3.41 -1.39 -30.23
N SER B 146 -2.14 -1.02 -30.22
CA SER B 146 -1.07 -1.86 -30.74
C SER B 146 -1.14 -3.28 -30.19
N LEU B 147 -1.32 -3.40 -28.88
CA LEU B 147 -1.33 -4.70 -28.22
C LEU B 147 -2.61 -5.50 -28.49
N SER B 148 -3.74 -4.82 -28.56
CA SER B 148 -5.01 -5.48 -28.89
C SER B 148 -4.93 -6.11 -30.27
N ALA B 149 -4.19 -5.47 -31.15
CA ALA B 149 -3.98 -5.95 -32.51
C ALA B 149 -3.27 -7.30 -32.53
N LEU B 150 -2.35 -7.51 -31.58
CA LEU B 150 -1.64 -8.77 -31.46
C LEU B 150 -2.52 -9.90 -30.88
N HIS B 151 -3.72 -9.57 -30.43
CA HIS B 151 -4.66 -10.53 -29.84
C HIS B 151 -3.97 -11.29 -28.73
N PHE B 152 -3.28 -10.48 -27.94
CA PHE B 152 -2.32 -10.89 -26.94
C PHE B 152 -3.02 -11.73 -25.87
N SER B 153 -2.62 -12.99 -25.72
CA SER B 153 -3.32 -13.90 -24.80
C SER B 153 -2.89 -13.76 -23.34
N GLU B 154 -3.69 -14.33 -22.45
CA GLU B 154 -3.44 -14.21 -21.02
C GLU B 154 -2.10 -14.78 -20.60
N ASP B 155 -1.74 -15.94 -21.12
CA ASP B 155 -0.49 -16.55 -20.72
C ASP B 155 0.68 -15.73 -21.27
N GLU B 156 0.49 -15.17 -22.46
CA GLU B 156 1.49 -14.25 -23.03
C GLU B 156 1.66 -12.99 -22.17
N ILE B 157 0.59 -12.42 -21.65
CA ILE B 157 0.70 -11.31 -20.72
C ILE B 157 1.55 -11.73 -19.52
N ALA B 158 1.21 -12.88 -18.93
CA ALA B 158 1.95 -13.38 -17.75
C ALA B 158 3.43 -13.41 -18.01
N LEU B 159 3.80 -14.04 -19.10
CA LEU B 159 5.20 -14.22 -19.39
C LEU B 159 5.85 -12.91 -19.79
N TYR B 160 5.15 -12.10 -20.59
CA TYR B 160 5.76 -10.86 -21.07
C TYR B 160 6.03 -9.84 -19.98
N THR B 161 5.06 -9.67 -19.09
CA THR B 161 5.19 -8.72 -18.00
C THR B 161 6.21 -9.18 -16.95
N ALA B 162 6.39 -10.50 -16.83
CA ALA B 162 7.44 -11.01 -15.95
C ALA B 162 8.80 -10.50 -16.42
N LEU B 163 9.00 -10.51 -17.74
CA LEU B 163 10.26 -10.04 -18.32
C LEU B 163 10.40 -8.53 -18.23
N VAL B 164 9.28 -7.83 -18.21
CA VAL B 164 9.29 -6.39 -17.98
C VAL B 164 9.87 -6.08 -16.61
N LEU B 165 9.36 -6.76 -15.58
CA LEU B 165 9.87 -6.63 -14.21
C LEU B 165 11.28 -7.16 -14.06
N ILE B 166 11.49 -8.44 -14.37
CA ILE B 166 12.75 -9.09 -14.06
C ILE B 166 13.76 -8.75 -15.13
N ASN B 167 14.34 -7.55 -14.97
CA ASN B 167 15.26 -6.97 -15.92
C ASN B 167 16.54 -6.58 -15.19
N ALA B 168 17.63 -7.29 -15.50
CA ALA B 168 18.87 -7.14 -14.76
C ALA B 168 19.63 -5.86 -15.12
N HIS B 169 19.06 -5.09 -16.04
CA HIS B 169 19.72 -3.88 -16.51
C HIS B 169 19.26 -2.64 -15.75
N ARG B 170 18.26 -2.81 -14.87
CA ARG B 170 17.83 -1.73 -13.99
C ARG B 170 19.02 -1.17 -13.23
N PRO B 171 19.21 0.16 -13.31
CA PRO B 171 20.22 0.79 -12.47
C PRO B 171 19.83 0.67 -11.00
N GLY B 172 20.78 0.30 -10.15
CA GLY B 172 20.52 0.24 -8.73
C GLY B 172 20.77 -1.12 -8.12
N LEU B 173 20.90 -2.13 -8.96
CA LEU B 173 20.94 -3.51 -8.48
C LEU B 173 22.26 -3.87 -7.83
N GLN B 174 22.17 -4.42 -6.62
CA GLN B 174 23.32 -4.89 -5.90
C GLN B 174 23.70 -6.28 -6.38
N GLU B 175 22.71 -7.17 -6.40
CA GLU B 175 22.92 -8.55 -6.82
C GLU B 175 22.44 -8.80 -8.25
N LYS B 176 22.98 -8.04 -9.20
CA LYS B 176 22.62 -8.16 -10.61
C LYS B 176 22.54 -9.59 -11.15
N ARG B 177 23.55 -10.41 -10.85
CA ARG B 177 23.65 -11.73 -11.43
C ARG B 177 22.54 -12.68 -10.98
N LYS B 178 21.98 -12.42 -9.80
CA LYS B 178 20.86 -13.22 -9.35
C LYS B 178 19.67 -12.93 -10.26
N VAL B 179 19.48 -11.66 -10.60
CA VAL B 179 18.40 -11.23 -11.48
C VAL B 179 18.55 -11.80 -12.89
N GLU B 180 19.79 -11.79 -13.38
CA GLU B 180 20.10 -12.36 -14.70
C GLU B 180 19.64 -13.81 -14.85
N GLN B 181 20.00 -14.62 -13.87
CA GLN B 181 19.56 -16.02 -13.80
C GLN B 181 18.06 -16.15 -13.99
N LEU B 182 17.29 -15.38 -13.23
CA LEU B 182 15.84 -15.44 -13.37
C LEU B 182 15.39 -14.90 -14.72
N GLN B 183 16.05 -13.83 -15.15
CA GLN B 183 15.75 -13.22 -16.44
C GLN B 183 15.89 -14.19 -17.60
N TYR B 184 17.08 -14.77 -17.71
CA TYR B 184 17.39 -15.73 -18.77
C TYR B 184 16.39 -16.90 -18.80
N ASN B 185 16.02 -17.39 -17.63
CA ASN B 185 15.10 -18.53 -17.59
C ASN B 185 13.73 -18.09 -18.05
N LEU B 186 13.35 -16.86 -17.72
CA LEU B 186 12.05 -16.34 -18.11
C LEU B 186 11.98 -16.07 -19.62
N GLU B 187 13.09 -15.63 -20.21
CA GLU B 187 13.15 -15.42 -21.65
C GLU B 187 12.95 -16.74 -22.39
N LEU B 188 13.63 -17.78 -21.91
CA LEU B 188 13.50 -19.12 -22.48
C LEU B 188 12.09 -19.68 -22.29
N ALA B 189 11.53 -19.51 -21.10
CA ALA B 189 10.17 -19.94 -20.82
C ALA B 189 9.22 -19.28 -21.82
N PHE B 190 9.43 -17.99 -22.01
CA PHE B 190 8.59 -17.20 -22.91
C PHE B 190 8.70 -17.67 -24.37
N HIS B 191 9.91 -17.92 -24.84
CA HIS B 191 10.10 -18.34 -26.23
C HIS B 191 9.57 -19.74 -26.45
N HIS B 192 9.84 -20.60 -25.47
CA HIS B 192 9.34 -21.96 -25.51
C HIS B 192 7.83 -21.97 -25.66
N HIS B 193 7.15 -21.17 -24.86
CA HIS B 193 5.70 -21.22 -24.87
C HIS B 193 5.15 -20.73 -26.20
N LEU B 194 5.78 -19.70 -26.75
CA LEU B 194 5.44 -19.23 -28.10
C LEU B 194 5.54 -20.35 -29.12
N CYS B 195 6.57 -21.17 -29.00
CA CYS B 195 6.69 -22.32 -29.89
C CYS B 195 5.55 -23.31 -29.68
N LYS B 196 5.31 -23.68 -28.43
CA LYS B 196 4.23 -24.63 -28.14
C LYS B 196 2.86 -24.13 -28.58
N THR B 197 2.69 -22.81 -28.63
CA THR B 197 1.45 -22.20 -29.10
C THR B 197 1.51 -21.62 -30.51
N HIS B 198 2.58 -21.92 -31.23
CA HIS B 198 2.75 -21.42 -32.60
C HIS B 198 2.59 -19.90 -32.72
N ARG B 199 3.09 -19.17 -31.74
CA ARG B 199 2.97 -17.71 -31.76
C ARG B 199 4.33 -17.03 -31.79
N GLN B 200 5.31 -17.66 -32.40
CA GLN B 200 6.61 -17.05 -32.60
C GLN B 200 6.48 -15.68 -33.30
N SER B 201 5.56 -15.60 -34.25
CA SER B 201 5.33 -14.41 -35.09
C SER B 201 5.18 -13.06 -34.39
N ILE B 202 4.78 -13.04 -33.12
CA ILE B 202 4.56 -11.76 -32.41
C ILE B 202 5.81 -11.09 -31.88
N LEU B 203 6.91 -11.85 -31.74
CA LEU B 203 8.15 -11.32 -31.19
C LEU B 203 8.63 -10.07 -31.94
N ALA B 204 8.68 -10.17 -33.26
CA ALA B 204 8.96 -9.02 -34.12
C ALA B 204 7.93 -7.89 -33.97
N LYS B 205 6.71 -8.25 -33.56
CA LYS B 205 5.62 -7.29 -33.54
C LYS B 205 5.45 -6.62 -32.19
N LEU B 206 6.31 -6.99 -31.24
CA LEU B 206 6.19 -6.40 -29.93
C LEU B 206 6.71 -4.98 -29.99
N PRO B 207 6.11 -4.10 -29.18
CA PRO B 207 6.57 -2.72 -29.11
C PRO B 207 8.00 -2.70 -28.61
N PRO B 208 8.86 -1.84 -29.16
CA PRO B 208 10.20 -1.91 -28.57
C PRO B 208 10.04 -1.53 -27.11
N LYS B 209 10.65 -2.28 -26.19
CA LYS B 209 10.44 -2.02 -24.77
C LYS B 209 10.98 -0.65 -24.39
N GLY B 210 11.80 -0.07 -25.27
CA GLY B 210 12.11 1.34 -25.20
C GLY B 210 10.84 2.17 -25.22
N LYS B 211 9.94 1.90 -26.16
CA LYS B 211 8.67 2.65 -26.24
C LYS B 211 7.87 2.55 -24.94
N LEU B 212 7.87 1.35 -24.35
CA LEU B 212 7.25 1.13 -23.05
C LEU B 212 7.79 2.06 -21.95
N ARG B 213 9.11 2.26 -21.91
CA ARG B 213 9.70 3.11 -20.87
C ARG B 213 9.32 4.56 -21.04
N SER B 214 9.34 5.02 -22.28
CA SER B 214 9.15 6.43 -22.58
C SER B 214 7.69 6.82 -22.41
N LEU B 215 6.83 5.83 -22.54
CA LEU B 215 5.43 6.01 -22.19
C LEU B 215 5.33 6.10 -20.67
N CYS B 216 6.01 5.20 -19.96
CA CYS B 216 5.95 5.21 -18.49
C CYS B 216 6.70 6.41 -17.92
N SER B 217 7.89 6.68 -18.43
CA SER B 217 8.63 7.91 -18.13
C SER B 217 7.75 9.15 -17.98
N GLN B 218 7.08 9.50 -19.08
CA GLN B 218 6.18 10.66 -19.19
C GLN B 218 4.97 10.52 -18.28
N HIS B 219 4.41 9.32 -18.27
CA HIS B 219 3.31 8.95 -17.39
C HIS B 219 3.74 9.21 -15.94
N VAL B 220 4.87 8.63 -15.56
CA VAL B 220 5.37 8.81 -14.20
C VAL B 220 5.60 10.26 -13.73
N GLU B 221 5.96 11.19 -14.62
CA GLU B 221 6.30 12.55 -14.17
C GLU B 221 5.11 13.47 -14.12
N ARG B 222 4.05 13.12 -14.84
CA ARG B 222 2.80 13.84 -14.69
C ARG B 222 1.97 13.26 -13.56
N LEU B 223 2.32 12.07 -13.06
CA LEU B 223 1.73 11.53 -11.84
C LEU B 223 1.92 12.47 -10.68
N GLN B 224 3.17 12.85 -10.48
CA GLN B 224 3.60 13.50 -9.27
C GLN B 224 3.60 15.04 -9.39
N ILE B 225 3.50 15.60 -10.62
CA ILE B 225 3.14 17.02 -10.73
C ILE B 225 1.72 17.12 -10.18
N PHE B 226 0.91 16.12 -10.49
CA PHE B 226 -0.39 15.99 -9.82
C PHE B 226 -0.35 15.73 -8.30
N GLN B 227 0.71 15.08 -7.79
CA GLN B 227 0.78 14.76 -6.35
C GLN B 227 1.72 15.66 -5.52
N HIS B 228 2.57 16.42 -6.19
CA HIS B 228 3.11 17.65 -5.63
C HIS B 228 2.04 18.28 -4.75
N LEU B 229 1.22 19.06 -5.44
CA LEU B 229 -0.19 19.30 -5.22
C LEU B 229 -1.02 18.13 -4.68
N HIS B 230 -1.86 18.34 -3.67
CA HIS B 230 -2.94 17.37 -3.37
C HIS B 230 -2.48 15.93 -3.07
N PRO B 231 -1.65 15.73 -2.02
CA PRO B 231 -1.43 14.35 -1.58
C PRO B 231 -2.74 13.63 -1.23
C10 6QW C . -7.21 -3.23 14.71
C11 6QW C . -8.24 -3.90 15.33
C13 6QW C . -9.35 -1.79 15.78
C18 6QW C . -6.13 5.34 14.21
O22 6QW C . -4.44 -5.69 15.74
O21 6QW C . -5.71 -6.62 14.17
C19 6QW C . -6.85 -5.18 17.54
C24 6QW C . -4.52 -9.17 15.68
C26 6QW C . -3.93 -10.38 13.67
C30 6QW C . -8.00 -5.59 18.47
C27 6QW C . -3.05 -11.16 14.38
C28 6QW C . -2.89 -10.96 15.75
C29 6QW C . -3.63 -9.98 16.40
C01 6QW C . -7.95 3.14 14.84
C02 6QW C . -7.64 2.50 16.02
C03 6QW C . -7.76 1.12 16.10
C04 6QW C . -8.22 0.40 15.01
C05 6QW C . -8.52 1.04 13.81
C06 6QW C . -8.39 2.43 13.72
S07 6QW C . -7.78 4.90 14.73
C08 6QW C . -8.31 -1.13 15.15
C09 6QW C . -7.24 -1.85 14.63
C12 6QW C . -9.32 -3.19 15.87
C14 6QW C . -6.09 -1.15 13.95
N15 6QW C . -6.97 -5.79 16.23
O16 6QW C . -8.11 5.50 15.99
O17 6QW C . -8.76 5.43 13.83
S20 6QW C . -5.59 -6.52 15.60
C23 6QW C . -5.34 -8.10 16.42
C25 6QW C . -4.67 -9.39 14.31
C31 6QW C . -7.90 -7.07 18.82
C32 6QW C . -7.96 -4.74 19.71
C33 6QW C . -8.13 -5.45 15.40
C10 6QW D . -6.20 3.16 -15.02
C11 6QW D . -7.20 3.81 -15.72
C13 6QW D . -8.21 1.66 -16.24
C18 6QW D . -4.98 -5.50 -14.59
O22 6QW D . -3.53 5.60 -16.10
O21 6QW D . -4.78 6.64 -14.59
C19 6QW D . -5.85 5.13 -17.95
C24 6QW D . -3.60 9.10 -16.05
C26 6QW D . -3.52 10.57 -14.15
C30 6QW D . -6.78 5.66 -19.04
C27 6QW D . -2.30 11.08 -14.58
C28 6QW D . -1.74 10.60 -15.76
C29 6QW D . -2.39 9.62 -16.49
C01 6QW D . -6.78 -3.30 -15.30
C02 6QW D . -6.33 -2.58 -16.40
C03 6QW D . -6.50 -1.20 -16.44
C04 6QW D . -7.10 -0.52 -15.39
C05 6QW D . -7.55 -1.23 -14.27
C06 6QW D . -7.38 -2.62 -14.23
S07 6QW D . -6.56 -5.06 -15.29
C08 6QW D . -7.20 1.01 -15.52
C09 6QW D . -6.20 1.77 -14.93
C12 6QW D . -8.21 3.07 -16.33
C14 6QW D . -5.10 1.08 -14.17
N15 6QW D . -6.03 5.79 -16.67
O16 6QW D . -6.71 -5.60 -16.61
O17 6QW D . -7.61 -5.72 -14.57
S20 6QW D . -4.66 6.48 -16.01
C23 6QW D . -4.31 8.02 -16.87
C25 6QW D . -4.16 9.59 -14.88
C31 6QW D . -6.66 7.17 -19.24
C32 6QW D . -6.52 4.94 -20.34
C33 6QW D . -7.14 5.37 -15.81
#